data_6Y3B
#
_entry.id   6Y3B
#
_cell.length_a   48.626
_cell.length_b   60.493
_cell.length_c   83.139
_cell.angle_alpha   90.000
_cell.angle_beta   90.000
_cell.angle_gamma   90.000
#
_symmetry.space_group_name_H-M   'P 21 21 21'
#
loop_
_entity.id
_entity.type
_entity.pdbx_description
1 polymer 'Genome polyprotein'
2 polymer 'Genome polyprotein'
3 non-polymer GLYCEROL
4 non-polymer 1-[(8~{R},15~{S},18~{S})-15,18-bis(4-azanylbutyl)-4,7,14,17,20-pentakis(oxidanylidene)-3,6,13,16,19-pentazabicyclo[20.3.1]hexacosa-1(25),22(26),23-trien-8-yl]guanidine
5 non-polymer 'SULFATE ION'
6 water water
#
loop_
_entity_poly.entity_id
_entity_poly.type
_entity_poly.pdbx_seq_one_letter_code
_entity_poly.pdbx_strand_id
1 'polypeptide(L)' MTGKSVDMYIERAGDITWEKDAEVTGNSPRLDVALDESGDFSLVEEDGPPMRE A
2 'polypeptide(L)'
;GSGALWDVPAPKEVKKGETTDGVYRVMTRRLLGSTQVGVGVMQEGVFHTMWHVTKGAALRSGEGRLDPYWGDVKQDLVSY
CGPWKLDAAWDGLSEVQLLAVPPGERAKNIQTLPGIFKTKDGDIGAVALDYPAGTSGSPILDKCGRVIGLYGNGVVIKNG
SYVSAITQGKREEETPVE
;
B
#
loop_
_chem_comp.id
_chem_comp.type
_chem_comp.name
_chem_comp.formula
GOL non-polymer GLYCEROL 'C3 H8 O3'
O7N non-polymer 1-[(8~{R},15~{S},18~{S})-15,18-bis(4-azanylbutyl)-4,7,14,17,20-pentakis(oxidanylidene)-3,6,13,16,19-pentazabicyclo[20.3.1]hexacosa-1(25),22(26),23-trien-8-yl]guanidine 'C30 H50 N10 O5'
SO4 non-polymer 'SULFATE ION' 'O4 S -2'
#
# COMPACT_ATOMS: atom_id res chain seq x y z
N ASP A 7 16.36 -0.82 -14.54
CA ASP A 7 15.62 -2.08 -14.52
C ASP A 7 14.80 -2.18 -13.25
N MET A 8 13.52 -1.83 -13.33
CA MET A 8 12.59 -1.98 -12.22
C MET A 8 11.71 -3.20 -12.48
N TYR A 9 11.71 -4.15 -11.55
CA TYR A 9 11.10 -5.45 -11.80
C TYR A 9 10.44 -5.95 -10.53
N ILE A 10 9.55 -6.93 -10.70
CA ILE A 10 8.81 -7.46 -9.56
C ILE A 10 9.19 -8.91 -9.35
N GLU A 11 9.10 -9.34 -8.08
CA GLU A 11 9.44 -10.69 -7.64
C GLU A 11 8.35 -11.14 -6.69
N ARG A 12 7.79 -12.32 -6.90
CA ARG A 12 6.72 -12.74 -6.00
C ARG A 12 7.26 -12.93 -4.58
N ALA A 13 6.44 -12.58 -3.59
CA ALA A 13 6.86 -12.67 -2.20
C ALA A 13 5.88 -13.43 -1.32
N GLY A 14 4.78 -13.91 -1.86
CA GLY A 14 3.93 -14.75 -1.05
C GLY A 14 2.46 -14.62 -1.41
N ASP A 15 1.66 -15.40 -0.70
CA ASP A 15 0.22 -15.36 -0.78
C ASP A 15 -0.28 -14.30 0.19
N ILE A 16 -1.48 -13.82 -0.09
CA ILE A 16 -2.11 -12.81 0.75
C ILE A 16 -3.15 -13.52 1.61
N THR A 17 -2.88 -13.62 2.91
CA THR A 17 -3.77 -14.27 3.86
C THR A 17 -3.72 -13.53 5.19
N TRP A 18 -4.86 -13.55 5.90
CA TRP A 18 -4.93 -13.16 7.31
C TRP A 18 -4.31 -14.25 8.18
N GLU A 19 -3.45 -13.84 9.11
CA GLU A 19 -2.79 -14.78 10.01
C GLU A 19 -3.63 -14.90 11.29
N LYS A 20 -4.06 -16.11 11.60
CA LYS A 20 -4.71 -16.32 12.88
C LYS A 20 -3.71 -16.15 14.01
N ASP A 21 -4.17 -15.58 15.13
CA ASP A 21 -3.35 -15.39 16.33
C ASP A 21 -2.07 -14.63 16.00
N ALA A 22 -2.22 -13.51 15.31
CA ALA A 22 -1.09 -12.68 14.92
C ALA A 22 -0.67 -11.76 16.08
N GLU A 23 0.58 -11.30 16.00
CA GLU A 23 1.07 -10.30 16.93
C GLU A 23 0.33 -8.99 16.72
N VAL A 24 -0.04 -8.34 17.83
CA VAL A 24 -0.81 -7.10 17.83
C VAL A 24 0.07 -5.99 18.40
N THR A 25 -0.01 -4.81 17.80
CA THR A 25 0.79 -3.71 18.33
C THR A 25 0.29 -2.42 17.70
N GLY A 26 0.81 -1.31 18.21
CA GLY A 26 0.44 -0.01 17.69
C GLY A 26 -0.73 0.60 18.42
N ASN A 27 -0.73 1.93 18.55
CA ASN A 27 -1.89 2.59 19.10
C ASN A 27 -2.81 2.98 17.93
N SER A 28 -3.78 3.83 18.21
CA SER A 28 -4.82 4.19 17.26
C SER A 28 -4.95 5.69 17.26
N PRO A 29 -3.94 6.40 16.75
CA PRO A 29 -3.94 7.85 16.87
C PRO A 29 -5.02 8.47 16.01
N ARG A 30 -5.52 9.60 16.50
CA ARG A 30 -6.52 10.40 15.81
C ARG A 30 -5.83 11.72 15.47
N LEU A 31 -5.64 11.98 14.19
CA LEU A 31 -4.81 13.08 13.74
C LEU A 31 -5.54 13.94 12.72
N ASP A 32 -5.44 15.26 12.87
CA ASP A 32 -5.94 16.18 11.87
C ASP A 32 -4.91 16.35 10.77
N VAL A 33 -5.28 16.02 9.54
CA VAL A 33 -4.34 16.04 8.43
C VAL A 33 -4.99 16.69 7.21
N ALA A 34 -4.14 17.19 6.32
CA ALA A 34 -4.53 17.70 5.03
C ALA A 34 -3.79 16.93 3.95
N LEU A 35 -4.48 16.74 2.83
CA LEU A 35 -3.95 16.01 1.68
C LEU A 35 -3.86 16.98 0.52
N ASP A 36 -2.67 17.16 -0.03
CA ASP A 36 -2.52 18.09 -1.14
C ASP A 36 -2.55 17.36 -2.48
N GLU A 37 -2.55 18.16 -3.55
CA GLU A 37 -2.77 17.61 -4.88
C GLU A 37 -1.62 16.75 -5.37
N SER A 38 -0.48 16.75 -4.68
CA SER A 38 0.65 15.89 -5.00
CA SER A 38 0.64 15.87 -5.01
C SER A 38 0.66 14.59 -4.20
N GLY A 39 -0.37 14.35 -3.39
CA GLY A 39 -0.43 13.16 -2.57
C GLY A 39 0.31 13.24 -1.25
N ASP A 40 0.63 14.43 -0.77
CA ASP A 40 1.29 14.56 0.52
CA ASP A 40 1.30 14.61 0.51
C ASP A 40 0.28 14.80 1.61
N PHE A 41 0.36 13.99 2.66
CA PHE A 41 -0.37 14.21 3.91
C PHE A 41 0.52 15.07 4.81
N SER A 42 -0.08 16.07 5.44
N SER A 42 -0.09 16.07 5.46
CA SER A 42 0.60 16.88 6.42
CA SER A 42 0.64 16.91 6.41
C SER A 42 -0.29 17.03 7.64
C SER A 42 -0.26 17.20 7.60
N LEU A 43 0.34 17.17 8.79
CA LEU A 43 -0.39 17.45 10.01
C LEU A 43 -0.83 18.90 9.99
N VAL A 44 -2.05 19.14 10.44
CA VAL A 44 -2.59 20.48 10.54
C VAL A 44 -2.17 21.08 11.87
N THR B 19 1.80 -12.87 -13.96
CA THR B 19 0.87 -12.09 -13.15
C THR B 19 -0.02 -12.98 -12.26
N THR B 20 0.58 -13.99 -11.62
CA THR B 20 -0.17 -14.81 -10.69
C THR B 20 -0.50 -14.01 -9.43
N ASP B 21 -1.68 -14.27 -8.87
CA ASP B 21 -2.11 -13.54 -7.68
C ASP B 21 -1.10 -13.64 -6.55
N GLY B 22 -0.95 -12.55 -5.82
CA GLY B 22 -0.15 -12.55 -4.60
C GLY B 22 0.48 -11.20 -4.35
N VAL B 23 1.37 -11.17 -3.35
CA VAL B 23 2.13 -9.99 -3.01
C VAL B 23 3.52 -10.12 -3.62
N TYR B 24 4.07 -8.99 -4.10
CA TYR B 24 5.31 -8.94 -4.83
C TYR B 24 6.20 -7.82 -4.30
N ARG B 25 7.52 -8.05 -4.31
CA ARG B 25 8.47 -6.98 -4.09
C ARG B 25 8.73 -6.25 -5.40
N VAL B 26 8.92 -4.94 -5.31
CA VAL B 26 9.31 -4.10 -6.44
C VAL B 26 10.77 -3.74 -6.24
N MET B 27 11.61 -4.16 -7.17
CA MET B 27 13.05 -4.08 -7.08
C MET B 27 13.58 -3.15 -8.18
N THR B 28 14.72 -2.51 -7.91
CA THR B 28 15.48 -1.84 -8.95
C THR B 28 16.89 -2.37 -8.98
N ARG B 29 17.45 -2.50 -10.19
CA ARG B 29 18.79 -3.00 -10.43
C ARG B 29 19.47 -2.03 -11.38
N ARG B 30 20.68 -1.59 -11.04
CA ARG B 30 21.47 -0.76 -11.93
C ARG B 30 22.62 -1.59 -12.49
N LEU B 31 23.85 -1.29 -12.09
CA LEU B 31 25.00 -2.11 -12.43
C LEU B 31 25.35 -3.10 -11.34
N LEU B 32 25.26 -2.69 -10.07
CA LEU B 32 25.54 -3.58 -8.96
C LEU B 32 24.28 -4.39 -8.62
N GLY B 33 23.98 -4.53 -7.34
CA GLY B 33 22.88 -5.36 -6.90
C GLY B 33 21.55 -4.65 -6.97
N SER B 34 20.55 -5.28 -6.37
CA SER B 34 19.19 -4.79 -6.41
C SER B 34 18.80 -4.11 -5.10
N THR B 35 17.86 -3.18 -5.20
CA THR B 35 17.29 -2.49 -4.06
C THR B 35 15.78 -2.69 -4.11
N GLN B 36 15.17 -3.02 -2.97
CA GLN B 36 13.71 -3.08 -2.91
C GLN B 36 13.16 -1.68 -2.66
N VAL B 37 12.42 -1.17 -3.63
CA VAL B 37 11.82 0.16 -3.50
C VAL B 37 10.38 0.10 -3.06
N GLY B 38 9.73 -1.06 -3.14
CA GLY B 38 8.38 -1.18 -2.65
C GLY B 38 7.84 -2.58 -2.83
N VAL B 39 6.51 -2.63 -2.82
CA VAL B 39 5.71 -3.84 -2.72
C VAL B 39 4.43 -3.56 -3.49
N GLY B 40 3.81 -4.62 -3.98
CA GLY B 40 2.48 -4.44 -4.56
C GLY B 40 1.71 -5.74 -4.60
N VAL B 41 0.46 -5.62 -5.06
CA VAL B 41 -0.52 -6.70 -5.04
C VAL B 41 -0.93 -7.03 -6.46
N MET B 42 -0.81 -8.30 -6.84
CA MET B 42 -1.33 -8.80 -8.10
C MET B 42 -2.69 -9.43 -7.80
N GLN B 43 -3.74 -8.93 -8.47
CA GLN B 43 -5.08 -9.48 -8.36
C GLN B 43 -5.82 -9.28 -9.67
N GLU B 44 -6.45 -10.34 -10.16
CA GLU B 44 -7.21 -10.31 -11.41
C GLU B 44 -6.36 -9.80 -12.56
N GLY B 45 -5.08 -10.16 -12.57
CA GLY B 45 -4.18 -9.82 -13.66
C GLY B 45 -3.69 -8.39 -13.65
N VAL B 46 -3.96 -7.65 -12.59
CA VAL B 46 -3.58 -6.26 -12.46
C VAL B 46 -2.64 -6.12 -11.27
N PHE B 47 -1.56 -5.36 -11.47
CA PHE B 47 -0.63 -5.06 -10.40
C PHE B 47 -0.96 -3.70 -9.80
N HIS B 48 -1.02 -3.65 -8.48
CA HIS B 48 -1.41 -2.51 -7.70
C HIS B 48 -0.28 -2.10 -6.77
N THR B 49 0.14 -0.83 -6.82
CA THR B 49 1.18 -0.37 -5.91
C THR B 49 0.96 1.13 -5.67
N MET B 50 1.84 1.71 -4.87
CA MET B 50 1.75 3.14 -4.60
C MET B 50 2.57 3.89 -5.64
N TRP B 51 2.05 5.05 -6.06
CA TRP B 51 2.71 5.81 -7.10
C TRP B 51 4.18 6.10 -6.75
N HIS B 52 4.45 6.45 -5.50
CA HIS B 52 5.82 6.86 -5.15
C HIS B 52 6.81 5.70 -5.24
N VAL B 53 6.33 4.46 -5.32
CA VAL B 53 7.23 3.32 -5.48
C VAL B 53 7.84 3.31 -6.88
N THR B 54 6.99 3.44 -7.90
CA THR B 54 7.43 3.32 -9.31
C THR B 54 7.53 4.65 -10.04
N LYS B 55 7.05 5.72 -9.43
CA LYS B 55 6.85 7.00 -10.11
C LYS B 55 6.05 6.85 -11.41
N GLY B 56 5.21 5.82 -11.46
CA GLY B 56 4.32 5.60 -12.58
C GLY B 56 4.97 5.11 -13.83
N ALA B 57 6.17 4.52 -13.71
CA ALA B 57 6.93 3.99 -14.83
C ALA B 57 6.65 2.49 -15.02
N ALA B 58 7.09 1.97 -16.15
CA ALA B 58 6.80 0.56 -16.47
C ALA B 58 7.59 -0.38 -15.56
N LEU B 59 7.09 -1.60 -15.47
CA LEU B 59 7.68 -2.67 -14.67
C LEU B 59 7.99 -3.88 -15.53
N ARG B 60 9.02 -4.61 -15.14
CA ARG B 60 9.34 -5.90 -15.73
C ARG B 60 8.84 -7.02 -14.81
N SER B 61 8.26 -8.05 -15.42
CA SER B 61 7.86 -9.26 -14.69
C SER B 61 8.38 -10.43 -15.50
N GLY B 62 9.44 -11.06 -15.02
CA GLY B 62 10.06 -12.12 -15.79
C GLY B 62 10.60 -11.53 -17.07
N GLU B 63 10.16 -12.07 -18.21
CA GLU B 63 10.53 -11.54 -19.51
C GLU B 63 9.47 -10.61 -20.08
N GLY B 64 8.48 -10.21 -19.28
CA GLY B 64 7.35 -9.45 -19.76
C GLY B 64 7.33 -8.05 -19.17
N ARG B 65 6.70 -7.13 -19.90
CA ARG B 65 6.58 -5.74 -19.50
C ARG B 65 5.16 -5.45 -19.05
N LEU B 66 5.04 -4.82 -17.88
CA LEU B 66 3.76 -4.34 -17.34
C LEU B 66 3.67 -2.83 -17.55
N ASP B 67 2.65 -2.39 -18.28
CA ASP B 67 2.53 -0.97 -18.57
C ASP B 67 1.54 -0.31 -17.61
N PRO B 68 1.85 0.89 -17.15
CA PRO B 68 0.87 1.61 -16.33
C PRO B 68 -0.44 1.78 -17.07
N TYR B 69 -1.54 1.61 -16.33
CA TYR B 69 -2.88 1.70 -16.91
C TYR B 69 -3.70 2.80 -16.27
N TRP B 70 -3.81 2.82 -14.95
CA TRP B 70 -4.53 3.84 -14.22
C TRP B 70 -3.63 4.35 -13.09
N GLY B 71 -3.82 5.60 -12.70
CA GLY B 71 -3.11 6.09 -11.53
C GLY B 71 -3.63 7.45 -11.13
N ASP B 72 -3.19 7.87 -9.94
CA ASP B 72 -3.63 9.14 -9.37
C ASP B 72 -2.60 9.56 -8.33
N VAL B 73 -1.84 10.63 -8.61
CA VAL B 73 -0.77 11.01 -7.69
C VAL B 73 -1.33 11.50 -6.36
N LYS B 74 -2.52 12.11 -6.35
CA LYS B 74 -3.08 12.56 -5.07
C LYS B 74 -3.41 11.37 -4.17
N GLN B 75 -3.96 10.31 -4.74
CA GLN B 75 -4.21 9.10 -4.00
C GLN B 75 -2.91 8.32 -3.74
N ASP B 76 -1.85 8.64 -4.49
CA ASP B 76 -0.57 7.93 -4.43
C ASP B 76 -0.74 6.46 -4.80
N LEU B 77 -1.46 6.22 -5.89
CA LEU B 77 -1.76 4.87 -6.37
C LEU B 77 -1.54 4.75 -7.87
N VAL B 78 -1.21 3.53 -8.29
N VAL B 78 -1.14 3.55 -8.29
CA VAL B 78 -1.05 3.21 -9.71
CA VAL B 78 -1.00 3.19 -9.71
C VAL B 78 -1.38 1.74 -9.92
C VAL B 78 -1.43 1.74 -9.89
N SER B 79 -2.04 1.44 -11.04
CA SER B 79 -2.30 0.07 -11.43
C SER B 79 -1.70 -0.20 -12.80
N TYR B 80 -1.33 -1.46 -13.02
CA TYR B 80 -0.68 -1.93 -14.25
C TYR B 80 -1.53 -3.02 -14.89
N CYS B 81 -1.64 -2.96 -16.21
CA CYS B 81 -2.27 -3.97 -17.07
C CYS B 81 -3.79 -3.84 -17.09
N GLY B 82 -4.38 -3.00 -16.25
CA GLY B 82 -5.81 -2.88 -16.18
C GLY B 82 -6.18 -1.95 -15.05
N PRO B 83 -7.48 -1.71 -14.89
CA PRO B 83 -7.95 -0.79 -13.87
C PRO B 83 -7.83 -1.36 -12.46
N TRP B 84 -7.86 -0.46 -11.50
CA TRP B 84 -7.79 -0.80 -10.09
C TRP B 84 -8.88 -1.80 -9.71
N LYS B 85 -8.47 -2.93 -9.09
CA LYS B 85 -9.36 -4.04 -8.79
C LYS B 85 -9.74 -4.17 -7.31
N LEU B 86 -8.99 -3.54 -6.41
CA LEU B 86 -9.18 -3.76 -4.97
C LEU B 86 -10.29 -2.85 -4.46
N ASP B 87 -11.41 -3.42 -4.01
CA ASP B 87 -12.57 -2.63 -3.62
C ASP B 87 -12.99 -2.79 -2.17
N ALA B 88 -12.34 -3.65 -1.40
CA ALA B 88 -12.73 -3.82 -0.01
C ALA B 88 -12.35 -2.59 0.81
N ALA B 89 -13.18 -2.30 1.82
CA ALA B 89 -13.01 -1.13 2.68
C ALA B 89 -12.89 -1.54 4.14
N TRP B 90 -12.05 -0.81 4.89
CA TRP B 90 -12.09 -0.93 6.34
C TRP B 90 -13.49 -0.64 6.85
N ASP B 91 -13.97 -1.47 7.77
CA ASP B 91 -15.31 -1.29 8.32
C ASP B 91 -15.35 -0.22 9.40
N GLY B 92 -14.22 0.40 9.74
CA GLY B 92 -14.21 1.50 10.68
C GLY B 92 -14.17 1.12 12.15
N LEU B 93 -14.12 -0.16 12.50
CA LEU B 93 -14.02 -0.49 13.91
C LEU B 93 -13.25 -1.76 14.19
N SER B 94 -13.00 -2.61 13.17
CA SER B 94 -12.30 -3.87 13.38
C SER B 94 -10.80 -3.70 13.26
N GLU B 95 -10.07 -4.57 13.96
CA GLU B 95 -8.64 -4.66 13.74
C GLU B 95 -8.34 -5.14 12.32
N VAL B 96 -7.16 -4.78 11.84
CA VAL B 96 -6.69 -5.07 10.50
C VAL B 96 -5.32 -5.70 10.63
N GLN B 97 -4.80 -6.24 9.53
CA GLN B 97 -3.44 -6.74 9.49
C GLN B 97 -2.68 -6.10 8.34
N LEU B 98 -1.49 -5.61 8.65
CA LEU B 98 -0.51 -5.27 7.64
C LEU B 98 0.26 -6.53 7.28
N LEU B 99 0.24 -6.90 6.02
CA LEU B 99 1.09 -7.98 5.52
C LEU B 99 2.36 -7.26 5.04
N ALA B 100 3.26 -7.03 6.00
CA ALA B 100 4.48 -6.28 5.71
C ALA B 100 5.47 -7.13 4.96
N VAL B 101 6.03 -6.57 3.88
CA VAL B 101 7.06 -7.26 3.12
C VAL B 101 8.28 -6.35 3.12
N PRO B 102 9.08 -6.36 4.19
CA PRO B 102 10.17 -5.40 4.29
C PRO B 102 11.36 -5.84 3.46
N PRO B 103 12.17 -4.89 3.00
CA PRO B 103 13.39 -5.25 2.28
C PRO B 103 14.23 -6.27 3.03
N GLY B 104 14.62 -7.32 2.34
CA GLY B 104 15.50 -8.31 2.92
C GLY B 104 14.89 -9.18 3.99
N GLU B 105 13.58 -9.12 4.18
CA GLU B 105 12.90 -9.86 5.25
C GLU B 105 11.68 -10.59 4.71
N ARG B 106 11.36 -11.71 5.35
CA ARG B 106 10.19 -12.48 4.95
C ARG B 106 8.92 -11.69 5.23
N ALA B 107 7.90 -11.95 4.41
CA ALA B 107 6.58 -11.38 4.67
C ALA B 107 6.10 -11.77 6.05
N LYS B 108 5.51 -10.80 6.77
CA LYS B 108 4.98 -11.06 8.09
C LYS B 108 3.70 -10.25 8.30
N ASN B 109 2.80 -10.83 9.08
CA ASN B 109 1.54 -10.18 9.41
C ASN B 109 1.62 -9.50 10.77
N ILE B 110 1.15 -8.27 10.86
N ILE B 110 1.16 -8.27 10.83
CA ILE B 110 1.11 -7.56 12.13
CA ILE B 110 1.08 -7.50 12.07
C ILE B 110 -0.27 -6.91 12.28
C ILE B 110 -0.35 -7.00 12.21
N GLN B 111 -0.96 -7.27 13.36
CA GLN B 111 -2.34 -6.85 13.59
C GLN B 111 -2.38 -5.57 14.40
N THR B 112 -3.35 -4.72 14.10
CA THR B 112 -3.45 -3.44 14.76
C THR B 112 -4.89 -2.94 14.66
N LEU B 113 -5.28 -2.08 15.62
CA LEU B 113 -6.53 -1.33 15.50
C LEU B 113 -6.23 0.03 14.90
N PRO B 114 -6.72 0.34 13.70
CA PRO B 114 -6.40 1.63 13.11
C PRO B 114 -6.88 2.81 13.95
N GLY B 115 -6.12 3.89 13.83
CA GLY B 115 -6.59 5.22 14.15
C GLY B 115 -7.23 5.86 12.93
N ILE B 116 -7.26 7.19 12.95
CA ILE B 116 -8.01 7.96 11.97
C ILE B 116 -7.18 9.16 11.54
N PHE B 117 -7.07 9.36 10.23
CA PHE B 117 -6.72 10.67 9.65
C PHE B 117 -8.04 11.41 9.46
N LYS B 118 -8.25 12.51 10.20
CA LYS B 118 -9.43 13.34 10.01
C LYS B 118 -9.09 14.43 8.99
N THR B 119 -9.81 14.46 7.88
CA THR B 119 -9.56 15.45 6.83
C THR B 119 -10.84 16.23 6.56
N LYS B 120 -10.66 17.38 5.89
CA LYS B 120 -11.81 18.19 5.55
C LYS B 120 -12.82 17.42 4.72
N ASP B 121 -12.39 16.32 4.11
CA ASP B 121 -13.24 15.57 3.19
C ASP B 121 -13.72 14.24 3.78
N GLY B 122 -13.38 13.94 5.03
CA GLY B 122 -13.79 12.70 5.66
C GLY B 122 -12.63 12.02 6.38
N ASP B 123 -12.98 10.96 7.09
CA ASP B 123 -12.03 10.21 7.87
C ASP B 123 -11.40 9.13 7.01
N ILE B 124 -10.10 8.88 7.24
CA ILE B 124 -9.38 7.78 6.63
C ILE B 124 -8.76 6.94 7.74
N GLY B 125 -8.99 5.64 7.70
CA GLY B 125 -8.28 4.76 8.60
C GLY B 125 -6.78 4.92 8.46
N ALA B 126 -6.08 4.71 9.57
CA ALA B 126 -4.63 4.91 9.56
C ALA B 126 -3.98 4.01 10.58
N VAL B 127 -2.83 3.44 10.22
CA VAL B 127 -2.15 2.46 11.06
C VAL B 127 -0.81 3.00 11.56
N ALA B 128 -0.62 2.89 12.87
CA ALA B 128 0.61 3.33 13.55
C ALA B 128 1.60 2.18 13.57
N LEU B 129 2.13 1.88 12.39
CA LEU B 129 3.11 0.83 12.18
C LEU B 129 4.24 1.41 11.34
N ASP B 130 5.48 1.17 11.76
CA ASP B 130 6.66 1.85 11.19
C ASP B 130 7.61 0.80 10.62
N TYR B 131 7.79 0.85 9.31
CA TYR B 131 8.61 -0.10 8.57
C TYR B 131 9.48 0.65 7.58
N PRO B 132 10.51 0.01 7.05
CA PRO B 132 11.39 0.68 6.09
C PRO B 132 10.64 1.20 4.87
N ALA B 133 11.22 2.21 4.23
CA ALA B 133 10.58 2.86 3.08
C ALA B 133 10.19 1.87 2.00
N GLY B 134 11.03 0.86 1.76
CA GLY B 134 10.77 -0.13 0.74
C GLY B 134 9.65 -1.10 1.06
N THR B 135 9.03 -0.97 2.23
CA THR B 135 7.82 -1.70 2.57
C THR B 135 6.57 -1.07 1.93
N SER B 136 6.72 0.14 1.38
CA SER B 136 5.64 0.84 0.71
C SER B 136 4.94 -0.05 -0.28
N GLY B 137 3.61 -0.03 -0.24
CA GLY B 137 2.79 -0.85 -1.11
C GLY B 137 2.36 -2.16 -0.50
N SER B 138 2.84 -2.48 0.70
CA SER B 138 2.41 -3.70 1.33
C SER B 138 0.92 -3.64 1.62
N PRO B 139 0.19 -4.75 1.48
CA PRO B 139 -1.26 -4.70 1.63
C PRO B 139 -1.69 -4.76 3.08
N ILE B 140 -2.80 -4.07 3.33
CA ILE B 140 -3.51 -4.09 4.61
C ILE B 140 -4.79 -4.88 4.39
N LEU B 141 -5.08 -5.80 5.32
CA LEU B 141 -6.10 -6.83 5.13
C LEU B 141 -7.20 -6.77 6.19
N ASP B 142 -8.40 -7.19 5.79
CA ASP B 142 -9.46 -7.48 6.74
C ASP B 142 -9.43 -8.97 7.09
N LYS B 143 -10.34 -9.38 7.97
CA LYS B 143 -10.32 -10.74 8.49
C LYS B 143 -10.64 -11.79 7.44
N CYS B 144 -11.25 -11.40 6.32
CA CYS B 144 -11.49 -12.27 5.19
C CYS B 144 -10.30 -12.36 4.26
N GLY B 145 -9.21 -11.67 4.58
CA GLY B 145 -8.04 -11.62 3.72
C GLY B 145 -8.17 -10.71 2.53
N ARG B 146 -9.21 -9.89 2.49
CA ARG B 146 -9.39 -8.93 1.41
C ARG B 146 -8.45 -7.75 1.63
N VAL B 147 -7.88 -7.23 0.55
CA VAL B 147 -7.00 -6.08 0.65
C VAL B 147 -7.86 -4.80 0.77
N ILE B 148 -7.80 -4.15 1.93
CA ILE B 148 -8.57 -2.93 2.17
C ILE B 148 -7.75 -1.68 1.91
N GLY B 149 -6.46 -1.82 1.61
CA GLY B 149 -5.66 -0.70 1.17
C GLY B 149 -4.20 -1.08 1.14
N LEU B 150 -3.37 -0.09 0.80
CA LEU B 150 -1.93 -0.26 0.75
C LEU B 150 -1.26 0.69 1.72
N TYR B 151 -0.16 0.20 2.29
CA TYR B 151 0.62 0.90 3.30
C TYR B 151 1.68 1.79 2.70
N GLY B 152 1.81 3.00 3.24
CA GLY B 152 3.02 3.76 2.96
C GLY B 152 2.86 5.21 2.61
N ASN B 153 1.65 5.77 2.61
CA ASN B 153 1.51 7.23 2.46
C ASN B 153 0.98 7.76 3.77
N GLY B 154 1.77 8.57 4.47
CA GLY B 154 1.44 8.90 5.83
C GLY B 154 2.11 10.17 6.33
N VAL B 155 2.25 10.24 7.66
CA VAL B 155 2.83 11.39 8.34
C VAL B 155 3.76 10.90 9.43
N VAL B 156 4.67 11.78 9.84
CA VAL B 156 5.57 11.59 10.97
C VAL B 156 5.08 12.48 12.09
N ILE B 157 4.73 11.87 13.23
CA ILE B 157 4.19 12.64 14.34
C ILE B 157 5.35 13.11 15.22
N LYS B 158 5.03 13.82 16.29
CA LYS B 158 6.01 14.64 17.00
C LYS B 158 7.23 13.84 17.46
N ASN B 159 7.02 12.61 17.96
CA ASN B 159 8.14 11.86 18.52
C ASN B 159 8.95 11.12 17.45
N GLY B 160 8.65 11.34 16.19
CA GLY B 160 9.36 10.69 15.12
C GLY B 160 8.73 9.41 14.61
N SER B 161 7.69 8.92 15.28
N SER B 161 7.71 8.90 15.27
CA SER B 161 6.99 7.72 14.85
CA SER B 161 7.11 7.67 14.77
C SER B 161 6.26 7.99 13.53
C SER B 161 6.14 7.99 13.64
N TYR B 162 5.70 6.92 12.97
CA TYR B 162 5.05 6.98 11.68
C TYR B 162 3.62 6.46 11.77
N VAL B 163 2.72 7.10 11.00
CA VAL B 163 1.34 6.66 10.87
C VAL B 163 1.00 6.68 9.38
N SER B 164 0.55 5.55 8.85
CA SER B 164 0.22 5.42 7.43
C SER B 164 -1.29 5.46 7.24
N ALA B 165 -1.74 6.16 6.21
CA ALA B 165 -3.12 5.99 5.77
C ALA B 165 -3.33 4.55 5.29
N ILE B 166 -4.55 4.06 5.44
CA ILE B 166 -5.00 2.88 4.71
C ILE B 166 -5.48 3.38 3.35
N THR B 167 -4.61 3.33 2.34
CA THR B 167 -4.90 3.96 1.06
C THR B 167 -5.55 2.94 0.12
N GLN B 168 -6.78 3.25 -0.31
CA GLN B 168 -7.53 2.36 -1.20
C GLN B 168 -8.00 3.14 -2.42
N GLY B 169 -8.02 2.46 -3.57
CA GLY B 169 -8.52 3.05 -4.79
C GLY B 169 -9.98 2.68 -5.01
N LYS B 170 -10.56 3.29 -6.04
CA LYS B 170 -11.92 2.99 -6.44
C LYS B 170 -11.90 1.93 -7.54
N ARG B 171 -12.70 0.87 -7.36
CA ARG B 171 -12.93 -0.09 -8.43
C ARG B 171 -14.09 0.42 -9.26
N GLU B 172 -13.81 0.94 -10.45
CA GLU B 172 -14.84 1.55 -11.28
C GLU B 172 -15.69 0.47 -11.95
N GLU B 173 -16.92 0.84 -12.31
CA GLU B 173 -17.76 -0.07 -13.08
C GLU B 173 -17.16 -0.27 -14.48
N GLU B 174 -17.54 -1.37 -15.10
CA GLU B 174 -17.03 -1.69 -16.44
C GLU B 174 -17.25 -0.51 -17.38
N THR B 175 -16.18 -0.14 -18.11
CA THR B 175 -16.27 1.00 -19.01
C THR B 175 -17.06 0.63 -20.27
N PRO B 176 -17.98 1.50 -20.73
CA PRO B 176 -18.82 1.15 -21.89
C PRO B 176 -18.01 0.80 -23.13
N VAL B 177 -18.70 0.39 -24.20
CA VAL B 177 -18.06 0.10 -25.48
C VAL B 177 -18.94 0.61 -26.61
C1 GOL C . -10.65 2.93 5.15
O1 GOL C . -10.60 4.20 5.77
C2 GOL C . -10.05 3.08 3.74
O2 GOL C . -9.12 4.07 3.70
C3 GOL C . -9.36 1.75 3.46
O3 GOL C . -10.33 0.89 3.07
O3 O7N D . 14.54 6.38 6.45
C4 O7N D . 7.08 3.95 5.21
C5 O7N D . 6.87 3.95 3.70
O4 O7N D . 10.91 6.50 6.08
C6 O7N D . 7.27 6.12 2.66
N1 O7N D . 9.47 6.95 11.29
C7 O7N D . 6.67 7.48 2.33
C8 O7N D . 7.22 7.99 0.99
N2 O7N D . 9.15 6.11 9.17
C9 O7N D . 6.70 9.38 0.64
C10 O7N D . 5.21 9.46 0.32
C11 O7N D . 4.80 10.90 0.05
C12 O7N D . 6.07 8.96 4.20
N3 O7N D . 6.43 5.25 3.22
C13 O7N D . 6.54 10.02 5.18
C14 O7N D . 5.69 11.27 4.95
C15 O7N D . 6.02 12.44 5.87
N4 O7N D . 3.46 11.04 -0.57
N O7N D . 9.83 8.39 9.37
C O7N D . 9.51 7.23 9.93
O O7N D . 8.47 5.88 2.43
C1 O7N D . 9.19 6.13 7.72
C16 O7N D . 5.03 13.60 5.77
C17 O7N D . 5.01 14.32 4.44
C18 O7N D . 8.88 10.00 5.96
C19 O7N D . 10.24 10.62 5.72
C2 O7N D . 8.25 5.04 7.19
C20 O7N D . 11.13 10.60 6.93
C21 O7N D . 11.05 11.57 7.91
C22 O7N D . 11.90 11.55 9.00
C23 O7N D . 12.85 10.55 9.11
C24 O7N D . 12.98 9.58 8.13
C25 O7N D . 12.12 9.62 7.05
C26 O7N D . 14.02 8.49 8.24
C27 O7N D . 13.66 6.26 7.30
C28 O7N D . 12.79 5.00 7.36
C29 O7N D . 10.59 5.96 7.14
C3 O7N D . 8.10 5.03 5.67
N5 O7N D . 7.00 8.42 3.40
N6 O7N D . 4.24 15.59 4.60
N7 O7N D . 7.96 10.31 5.02
N8 O7N D . 13.39 7.16 8.24
N9 O7N D . 11.46 5.24 7.85
O1 O7N D . 4.88 8.62 4.18
O2 O7N D . 8.63 9.29 6.94
S SO4 E . 1.40 14.62 17.71
O1 SO4 E . 2.22 14.70 16.48
O2 SO4 E . 1.55 15.86 18.47
O3 SO4 E . 1.83 13.48 18.51
O4 SO4 E . 0.00 14.47 17.35
#